data_1KI4
#
_entry.id   1KI4
#
_cell.length_a   114.100
_cell.length_b   116.000
_cell.length_c   108.700
_cell.angle_alpha   90.00
_cell.angle_beta   90.00
_cell.angle_gamma   90.00
#
_symmetry.space_group_name_H-M   'C 2 2 21'
#
loop_
_entity.id
_entity.type
_entity.pdbx_description
1 polymer 'THYMIDINE KINASE'
2 non-polymer 'SULFATE ION'
3 non-polymer 5-BROMOTHIENYLDEOXYURIDINE
4 water water
#
_entity_poly.entity_id   1
_entity_poly.type   'polypeptide(L)'
_entity_poly.pdbx_seq_one_letter_code
;MPTLLRVYIDGPHGMGKTTTTQLLVALGSRDDIVYVPEPMTYWRVLGASETIANIYTTQHRLDQGEISAGDAAVVMTSAQ
ITMGMPYAVTDAVLAPHIGGEAGSSHAPPPALTLIFDRHPIAALLCYPAARYLMGSMTPQAVLAFVALIPPTLPGTNIVL
GALPEDRHIDRLAKRQRPGERLDLAMLAAIRRVYGLLANTVRYLQCGGSWREDWGQLSGTAVPPQGAEPQSNAGPRPHIG
DTLFTLFRAPELLAPNGDLYNVFAWALDVLAKRLRSMHVFILDYDQSPAGCRDALLQLTSGMVQTHVTTPGSIPTICDLA
RTFAREMGEAN
;
_entity_poly.pdbx_strand_id   A,B
#
loop_
_chem_comp.id
_chem_comp.type
_chem_comp.name
_chem_comp.formula
BTD non-polymer 5-BROMOTHIENYLDEOXYURIDINE 'C13 H13 Br N2 O5 S'
SO4 non-polymer 'SULFATE ION' 'O4 S -2'
#
# COMPACT_ATOMS: atom_id res chain seq x y z
N MET A 1 14.92 22.74 -15.63
CA MET A 1 13.64 22.99 -14.90
C MET A 1 13.97 23.66 -13.55
N PRO A 2 12.96 24.28 -12.88
CA PRO A 2 13.11 24.96 -11.59
C PRO A 2 13.23 23.92 -10.47
N THR A 3 13.73 24.28 -9.30
CA THR A 3 13.91 23.28 -8.24
C THR A 3 12.93 23.34 -7.09
N LEU A 4 12.77 22.20 -6.44
CA LEU A 4 11.83 22.12 -5.33
C LEU A 4 12.50 21.59 -4.10
N LEU A 5 11.95 21.93 -2.94
CA LEU A 5 12.45 21.43 -1.66
C LEU A 5 11.27 20.81 -0.90
N ARG A 6 11.37 19.51 -0.65
CA ARG A 6 10.32 18.84 0.08
C ARG A 6 10.93 18.53 1.41
N VAL A 7 10.22 18.96 2.44
CA VAL A 7 10.60 18.82 3.82
C VAL A 7 9.44 18.18 4.57
N TYR A 8 9.61 16.98 5.11
CA TYR A 8 8.53 16.35 5.89
C TYR A 8 8.95 16.42 7.38
N ILE A 9 8.21 17.20 8.16
CA ILE A 9 8.48 17.31 9.59
C ILE A 9 7.83 16.12 10.24
N ASP A 10 8.64 15.23 10.82
CA ASP A 10 8.09 14.02 11.45
C ASP A 10 8.69 13.70 12.81
N GLY A 11 7.95 12.92 13.59
CA GLY A 11 8.42 12.53 14.91
C GLY A 11 7.20 12.10 15.70
N PRO A 12 7.33 11.86 17.01
CA PRO A 12 6.24 11.46 17.89
C PRO A 12 5.26 12.62 18.12
N HIS A 13 4.01 12.26 18.35
CA HIS A 13 3.00 13.28 18.62
C HIS A 13 3.26 13.89 19.98
N GLY A 14 2.93 15.17 20.13
CA GLY A 14 3.12 15.86 21.40
C GLY A 14 4.49 16.51 21.62
N MET A 15 5.23 16.78 20.56
CA MET A 15 6.55 17.40 20.66
C MET A 15 6.54 18.87 20.24
N GLY A 16 5.36 19.38 19.87
CA GLY A 16 5.19 20.76 19.45
C GLY A 16 5.46 20.96 17.98
N LYS A 17 5.25 19.93 17.16
CA LYS A 17 5.56 19.98 15.73
C LYS A 17 4.68 20.88 14.86
N THR A 18 3.39 20.64 14.80
CA THR A 18 2.54 21.50 13.98
C THR A 18 2.80 22.95 14.35
N THR A 19 2.83 23.25 15.64
CA THR A 19 3.06 24.61 16.09
C THR A 19 4.24 25.31 15.43
N THR A 20 5.42 24.71 15.54
CA THR A 20 6.63 25.31 14.98
C THR A 20 6.71 25.36 13.47
N THR A 21 5.97 24.52 12.76
CA THR A 21 6.02 24.60 11.30
C THR A 21 5.10 25.71 10.80
N GLN A 22 3.99 25.90 11.50
CA GLN A 22 3.03 26.96 11.15
C GLN A 22 3.67 28.32 11.36
N LEU A 23 4.68 28.34 12.22
CA LEU A 23 5.44 29.55 12.50
C LEU A 23 6.44 29.78 11.38
N LEU A 24 6.45 28.90 10.38
CA LEU A 24 7.38 29.08 9.28
C LEU A 24 6.74 29.88 8.13
N VAL A 25 5.50 29.76 7.91
N ASP A 32 6.27 31.23 -2.06
CA ASP A 32 7.30 30.25 -2.49
C ASP A 32 7.64 29.22 -1.40
N ILE A 33 6.64 28.91 -0.56
CA ILE A 33 6.75 27.93 0.52
C ILE A 33 5.34 27.65 0.99
N VAL A 34 4.91 26.40 0.86
CA VAL A 34 3.57 25.99 1.25
C VAL A 34 3.68 24.97 2.38
N TYR A 35 2.65 24.94 3.21
CA TYR A 35 2.62 24.05 4.34
C TYR A 35 1.42 23.11 4.19
N VAL A 36 1.69 21.81 4.05
CA VAL A 36 0.63 20.81 3.92
C VAL A 36 0.44 20.29 5.34
N PRO A 37 -0.71 20.61 5.95
CA PRO A 37 -1.07 20.20 7.31
C PRO A 37 -1.38 18.71 7.47
N GLU A 38 -1.95 18.38 8.61
CA GLU A 38 -2.33 17.02 8.93
C GLU A 38 -3.79 16.97 8.50
N PRO A 39 -4.18 15.97 7.69
CA PRO A 39 -5.57 15.86 7.22
C PRO A 39 -6.67 15.48 8.22
N MET A 40 -6.75 16.25 9.30
CA MET A 40 -7.71 16.06 10.39
C MET A 40 -9.17 15.81 9.98
N THR A 41 -9.65 16.61 9.02
CA THR A 41 -11.04 16.49 8.52
C THR A 41 -11.21 15.12 7.88
N TYR A 42 -10.15 14.62 7.25
CA TYR A 42 -10.19 13.34 6.58
C TYR A 42 -10.26 12.20 7.59
N TRP A 43 -9.69 12.41 8.78
CA TRP A 43 -9.70 11.41 9.85
C TRP A 43 -11.02 11.46 10.60
N ARG A 44 -11.38 12.66 11.06
CA ARG A 44 -12.62 12.89 11.80
C ARG A 44 -13.88 12.76 10.95
N VAL A 45 -13.78 13.08 9.68
CA VAL A 45 -14.96 13.03 8.83
C VAL A 45 -14.87 12.41 7.45
N LEU A 46 -13.91 12.80 6.62
CA LEU A 46 -13.82 12.29 5.24
C LEU A 46 -13.63 10.79 5.04
N GLY A 47 -12.64 10.22 5.73
CA GLY A 47 -12.37 8.80 5.60
C GLY A 47 -13.26 7.96 6.47
N ALA A 48 -13.50 8.45 7.68
CA ALA A 48 -14.36 7.77 8.65
C ALA A 48 -14.66 8.70 9.81
N SER A 49 -15.45 8.20 10.75
CA SER A 49 -15.86 8.98 11.92
C SER A 49 -14.88 8.99 13.13
N GLU A 50 -14.17 10.09 13.32
CA GLU A 50 -13.29 10.17 14.48
C GLU A 50 -12.19 9.10 14.58
N THR A 51 -11.49 8.83 13.49
CA THR A 51 -10.42 7.85 13.50
C THR A 51 -9.52 7.94 14.74
N ILE A 52 -9.00 9.13 15.10
CA ILE A 52 -8.13 9.24 16.29
C ILE A 52 -8.77 8.73 17.59
N ALA A 53 -10.04 9.04 17.78
CA ALA A 53 -10.77 8.59 18.96
C ALA A 53 -10.75 7.08 19.01
N ASN A 54 -11.09 6.48 17.88
CA ASN A 54 -11.15 5.04 17.67
C ASN A 54 -9.83 4.34 18.08
N ILE A 55 -8.72 4.92 17.63
CA ILE A 55 -7.44 4.36 17.95
C ILE A 55 -7.26 4.27 19.46
N TYR A 56 -7.30 5.43 20.09
CA TYR A 56 -7.12 5.51 21.53
C TYR A 56 -8.17 4.75 22.32
N THR A 57 -9.42 4.79 21.86
CA THR A 57 -10.44 4.03 22.59
C THR A 57 -10.15 2.54 22.56
N THR A 58 -9.92 2.03 21.36
CA THR A 58 -9.67 0.63 21.19
C THR A 58 -8.59 0.13 22.10
N GLN A 59 -7.41 0.76 22.05
CA GLN A 59 -6.30 0.38 22.90
C GLN A 59 -6.73 0.42 24.35
N HIS A 60 -7.59 1.37 24.69
CA HIS A 60 -8.07 1.44 26.06
C HIS A 60 -8.89 0.19 26.38
N ARG A 61 -9.66 -0.31 25.42
CA ARG A 61 -10.45 -1.51 25.64
C ARG A 61 -9.52 -2.72 25.76
N LEU A 62 -8.42 -2.70 25.03
CA LEU A 62 -7.47 -3.80 25.09
C LEU A 62 -6.75 -3.76 26.45
N ASP A 63 -6.37 -2.56 26.87
CA ASP A 63 -5.68 -2.35 28.15
C ASP A 63 -6.58 -2.79 29.30
N GLN A 64 -7.89 -2.56 29.16
CA GLN A 64 -8.90 -2.97 30.17
C GLN A 64 -9.34 -4.40 29.90
N GLY A 65 -8.81 -4.99 28.83
CA GLY A 65 -9.17 -6.35 28.48
C GLY A 65 -10.62 -6.53 28.12
N GLU A 66 -11.31 -5.42 27.82
CA GLU A 66 -12.73 -5.45 27.44
C GLU A 66 -12.84 -6.15 26.06
N ILE A 67 -11.72 -6.18 25.32
CA ILE A 67 -11.62 -6.85 24.00
C ILE A 67 -10.26 -7.50 23.92
N SER A 68 -10.06 -8.34 22.91
CA SER A 68 -8.81 -9.07 22.75
C SER A 68 -7.79 -8.48 21.81
N ALA A 69 -6.57 -8.97 21.94
CA ALA A 69 -5.44 -8.53 21.17
C ALA A 69 -5.69 -8.62 19.68
N GLY A 70 -6.56 -9.53 19.28
CA GLY A 70 -6.85 -9.71 17.87
C GLY A 70 -7.90 -8.76 17.32
N ASP A 71 -8.95 -8.48 18.10
CA ASP A 71 -10.00 -7.56 17.67
C ASP A 71 -9.38 -6.19 17.61
N ALA A 72 -8.50 -5.92 18.57
CA ALA A 72 -7.82 -4.64 18.62
C ALA A 72 -6.95 -4.53 17.38
N ALA A 73 -6.36 -5.64 16.97
CA ALA A 73 -5.50 -5.62 15.80
C ALA A 73 -6.22 -5.26 14.50
N VAL A 74 -7.42 -5.78 14.29
CA VAL A 74 -8.20 -5.52 13.11
C VAL A 74 -8.73 -4.12 13.08
N VAL A 75 -9.22 -3.66 14.21
CA VAL A 75 -9.72 -2.32 14.28
C VAL A 75 -8.49 -1.46 14.09
N MET A 76 -7.43 -1.77 14.83
CA MET A 76 -6.19 -1.02 14.73
C MET A 76 -5.67 -1.02 13.30
N THR A 77 -5.71 -2.19 12.66
CA THR A 77 -5.23 -2.32 11.28
C THR A 77 -6.05 -1.50 10.29
N SER A 78 -7.36 -1.64 10.38
CA SER A 78 -8.29 -0.91 9.53
C SER A 78 -8.15 0.62 9.72
N ALA A 79 -7.75 1.08 10.90
CA ALA A 79 -7.60 2.51 11.08
C ALA A 79 -6.34 3.01 10.42
N GLN A 80 -5.22 2.33 10.58
CA GLN A 80 -3.97 2.82 9.97
C GLN A 80 -4.14 3.13 8.50
N ILE A 81 -5.13 2.53 7.88
CA ILE A 81 -5.43 2.71 6.47
C ILE A 81 -6.01 4.11 6.29
N THR A 82 -7.03 4.44 7.07
CA THR A 82 -7.65 5.74 7.03
C THR A 82 -6.61 6.83 7.32
N MET A 83 -5.69 6.55 8.22
CA MET A 83 -4.70 7.58 8.57
C MET A 83 -3.63 7.91 7.55
N GLY A 84 -3.21 6.94 6.74
CA GLY A 84 -2.18 7.20 5.75
C GLY A 84 -2.67 7.54 4.34
N MET A 85 -3.96 7.28 4.12
CA MET A 85 -4.58 7.50 2.82
C MET A 85 -4.28 8.82 2.17
N PRO A 86 -4.48 9.95 2.89
CA PRO A 86 -4.21 11.26 2.31
C PRO A 86 -2.76 11.46 1.98
N TYR A 87 -1.90 10.86 2.79
CA TYR A 87 -0.45 10.96 2.59
C TYR A 87 -0.06 10.06 1.44
N ALA A 88 -0.71 8.88 1.39
CA ALA A 88 -0.46 7.91 0.34
C ALA A 88 -0.71 8.57 -1.02
N VAL A 89 -1.96 8.99 -1.23
CA VAL A 89 -2.32 9.67 -2.49
C VAL A 89 -1.45 10.88 -2.84
N THR A 90 -1.11 11.68 -1.84
CA THR A 90 -0.31 12.85 -2.12
C THR A 90 1.01 12.44 -2.71
N ASP A 91 1.70 11.53 -2.06
CA ASP A 91 2.99 11.06 -2.55
C ASP A 91 2.77 10.48 -3.96
N ALA A 92 1.67 9.78 -4.12
CA ALA A 92 1.34 9.14 -5.39
C ALA A 92 1.24 10.14 -6.54
N VAL A 93 0.36 11.12 -6.38
CA VAL A 93 0.16 12.15 -7.38
C VAL A 93 1.37 13.04 -7.50
N LEU A 94 2.09 13.18 -6.40
CA LEU A 94 3.26 14.03 -6.42
C LEU A 94 4.42 13.38 -7.17
N ALA A 95 4.69 12.12 -6.86
CA ALA A 95 5.77 11.35 -7.43
C ALA A 95 6.25 11.68 -8.85
N PRO A 96 5.38 11.60 -9.88
CA PRO A 96 5.78 11.88 -11.27
C PRO A 96 6.41 13.23 -11.60
N HIS A 97 6.10 14.26 -10.83
CA HIS A 97 6.64 15.60 -11.04
C HIS A 97 8.04 15.77 -10.50
N ILE A 98 8.41 14.96 -9.51
CA ILE A 98 9.71 15.11 -8.89
C ILE A 98 10.78 14.64 -9.82
N GLY A 99 11.81 15.45 -9.99
CA GLY A 99 12.89 15.06 -10.87
C GLY A 99 14.10 14.65 -10.07
N GLY A 100 15.25 14.59 -10.73
CA GLY A 100 16.46 14.21 -10.05
C GLY A 100 17.01 15.31 -9.18
N GLU A 101 17.78 14.89 -8.17
CA GLU A 101 18.38 15.81 -7.23
C GLU A 101 19.22 16.91 -7.89
N ALA A 102 19.19 18.07 -7.26
CA ALA A 102 19.94 19.24 -7.69
C ALA A 102 21.04 19.40 -6.65
N GLY A 103 20.75 19.21 -5.43
N PRO A 109 18.27 29.33 -5.34
CA PRO A 109 17.20 29.15 -4.32
C PRO A 109 16.06 28.29 -4.92
N PRO A 110 15.49 27.35 -4.12
CA PRO A 110 14.40 26.51 -4.62
C PRO A 110 13.18 27.33 -4.99
N ALA A 111 12.57 27.01 -6.13
CA ALA A 111 11.40 27.70 -6.62
C ALA A 111 10.15 27.47 -5.77
N LEU A 112 10.17 26.44 -4.92
CA LEU A 112 9.03 26.15 -4.08
C LEU A 112 9.53 25.21 -3.00
N THR A 113 9.16 25.51 -1.74
CA THR A 113 9.55 24.69 -0.60
C THR A 113 8.26 24.11 -0.05
N LEU A 114 8.18 22.77 0.01
CA LEU A 114 6.98 22.14 0.53
C LEU A 114 7.22 21.60 1.92
N ILE A 115 6.52 22.13 2.92
CA ILE A 115 6.62 21.65 4.30
C ILE A 115 5.38 20.78 4.46
N PHE A 116 5.60 19.53 4.82
CA PHE A 116 4.49 18.60 4.98
C PHE A 116 4.39 18.29 6.43
N ASP A 117 3.21 18.01 6.93
CA ASP A 117 3.09 17.62 8.33
C ASP A 117 3.07 16.10 8.40
N ARG A 118 4.26 15.50 8.58
CA ARG A 118 4.45 14.04 8.66
C ARG A 118 4.56 13.36 7.26
N HIS A 119 5.47 12.39 7.15
CA HIS A 119 5.69 11.67 5.90
C HIS A 119 4.79 10.44 5.94
N PRO A 120 4.63 9.74 4.81
CA PRO A 120 3.78 8.54 4.77
C PRO A 120 4.30 7.40 5.66
N ILE A 121 5.61 7.36 5.88
CA ILE A 121 6.16 6.29 6.70
C ILE A 121 5.65 6.32 8.11
N ALA A 122 5.04 7.42 8.52
CA ALA A 122 4.50 7.46 9.86
C ALA A 122 3.26 6.56 9.90
N ALA A 123 2.57 6.51 8.77
CA ALA A 123 1.38 5.70 8.63
C ALA A 123 1.62 4.27 8.19
N LEU A 124 2.64 4.06 7.38
CA LEU A 124 2.92 2.73 6.89
C LEU A 124 4.06 2.02 7.61
N LEU A 125 4.66 2.66 8.61
CA LEU A 125 5.75 2.05 9.35
C LEU A 125 5.80 2.44 10.84
N CYS A 126 6.01 3.73 11.12
CA CYS A 126 6.15 4.23 12.49
C CYS A 126 4.97 4.01 13.41
N TYR A 127 3.78 4.46 13.06
CA TYR A 127 2.71 4.16 14.00
C TYR A 127 2.35 2.70 14.07
N PRO A 128 2.27 2.03 12.92
CA PRO A 128 1.95 0.59 12.98
C PRO A 128 2.86 -0.16 13.96
N ALA A 129 4.17 0.02 13.81
CA ALA A 129 5.15 -0.62 14.70
C ALA A 129 4.88 -0.31 16.20
N ALA A 130 4.65 0.97 16.49
CA ALA A 130 4.38 1.41 17.86
C ALA A 130 3.20 0.64 18.39
N ARG A 131 2.13 0.56 17.61
CA ARG A 131 0.97 -0.20 18.06
C ARG A 131 1.31 -1.69 18.22
N TYR A 132 2.29 -2.17 17.47
CA TYR A 132 2.67 -3.56 17.61
C TYR A 132 3.29 -3.61 19.00
N LEU A 133 4.27 -2.73 19.18
CA LEU A 133 4.98 -2.59 20.45
C LEU A 133 3.97 -2.49 21.57
N MET A 134 2.74 -2.11 21.24
CA MET A 134 1.65 -1.98 22.21
C MET A 134 0.70 -3.18 22.28
N GLY A 135 1.03 -4.24 21.56
CA GLY A 135 0.18 -5.41 21.60
C GLY A 135 -1.14 -5.18 20.88
N SER A 136 -1.17 -4.22 19.96
CA SER A 136 -2.41 -3.94 19.19
C SER A 136 -2.30 -4.03 17.66
N MET A 137 -1.16 -4.51 17.16
CA MET A 137 -0.93 -4.63 15.71
C MET A 137 0.00 -5.83 15.48
N THR A 138 -0.45 -6.80 14.68
CA THR A 138 0.35 -7.98 14.38
C THR A 138 1.58 -7.53 13.61
N PRO A 139 2.74 -8.17 13.83
CA PRO A 139 3.94 -7.76 13.10
C PRO A 139 3.75 -8.13 11.65
N GLN A 140 2.86 -9.08 11.39
CA GLN A 140 2.57 -9.48 10.03
C GLN A 140 1.97 -8.28 9.30
N ALA A 141 1.08 -7.55 9.99
CA ALA A 141 0.42 -6.36 9.46
C ALA A 141 1.39 -5.18 9.29
N VAL A 142 2.26 -4.96 10.27
CA VAL A 142 3.27 -3.92 10.18
C VAL A 142 4.09 -4.13 8.91
N LEU A 143 4.45 -5.38 8.62
CA LEU A 143 5.25 -5.70 7.42
C LEU A 143 4.42 -5.63 6.13
N ALA A 144 3.11 -5.73 6.24
CA ALA A 144 2.27 -5.62 5.07
C ALA A 144 2.34 -4.14 4.67
N PHE A 145 2.24 -3.25 5.65
CA PHE A 145 2.33 -1.81 5.38
C PHE A 145 3.69 -1.43 4.81
N VAL A 146 4.74 -1.99 5.37
CA VAL A 146 6.10 -1.71 4.88
C VAL A 146 6.22 -2.09 3.41
N ALA A 147 5.69 -3.24 3.07
CA ALA A 147 5.75 -3.75 1.73
C ALA A 147 5.13 -2.76 0.77
N LEU A 148 4.21 -1.94 1.27
CA LEU A 148 3.49 -0.95 0.45
C LEU A 148 4.13 0.42 0.47
N ILE A 149 5.23 0.57 1.20
CA ILE A 149 5.88 1.88 1.20
C ILE A 149 6.37 2.18 -0.20
N PRO A 150 5.83 3.24 -0.82
CA PRO A 150 6.22 3.65 -2.18
C PRO A 150 7.71 3.94 -2.33
N PRO A 151 8.22 3.88 -3.56
CA PRO A 151 9.64 4.16 -3.70
C PRO A 151 9.95 5.57 -3.14
N THR A 152 11.18 5.75 -2.71
CA THR A 152 11.61 6.99 -2.10
C THR A 152 12.11 8.01 -3.12
N LEU A 153 11.25 8.98 -3.42
CA LEU A 153 11.58 10.00 -4.39
C LEU A 153 12.90 10.65 -4.05
N PRO A 154 13.56 11.24 -5.05
CA PRO A 154 14.84 11.88 -4.75
C PRO A 154 14.52 13.05 -3.80
N GLY A 155 15.52 13.54 -3.08
CA GLY A 155 15.29 14.66 -2.19
C GLY A 155 14.19 14.58 -1.15
N THR A 156 14.14 13.47 -0.41
CA THR A 156 13.16 13.31 0.65
C THR A 156 13.87 13.61 1.97
N ASN A 157 13.62 14.80 2.52
CA ASN A 157 14.21 15.25 3.79
C ASN A 157 13.19 15.02 4.92
N ILE A 158 13.58 14.22 5.93
CA ILE A 158 12.69 13.93 7.06
C ILE A 158 13.26 14.58 8.28
N VAL A 159 12.50 15.46 8.91
CA VAL A 159 13.01 16.06 10.14
C VAL A 159 12.33 15.32 11.26
N LEU A 160 13.13 14.79 12.15
CA LEU A 160 12.58 14.08 13.29
C LEU A 160 12.92 14.93 14.52
N GLY A 161 12.12 14.86 15.57
CA GLY A 161 12.38 15.70 16.73
C GLY A 161 13.07 15.10 17.94
N ALA A 162 13.82 15.93 18.66
CA ALA A 162 14.53 15.53 19.88
C ALA A 162 13.92 16.32 21.04
N LEU A 163 13.58 15.64 22.13
CA LEU A 163 12.94 16.30 23.28
C LEU A 163 12.92 15.40 24.52
N PRO A 164 13.44 15.90 25.67
CA PRO A 164 13.47 15.13 26.92
C PRO A 164 12.12 14.57 27.28
N GLU A 165 12.10 13.34 27.78
CA GLU A 165 10.83 12.68 28.10
C GLU A 165 9.79 13.47 28.91
N ASP A 166 10.12 13.85 30.15
CA ASP A 166 9.18 14.62 30.98
C ASP A 166 8.76 15.92 30.31
N ARG A 167 9.65 16.48 29.51
CA ARG A 167 9.37 17.70 28.79
C ARG A 167 8.33 17.36 27.75
N HIS A 168 8.56 16.26 27.03
CA HIS A 168 7.63 15.78 26.01
C HIS A 168 6.32 15.33 26.67
N ILE A 169 6.37 14.81 27.89
CA ILE A 169 5.13 14.42 28.60
C ILE A 169 4.30 15.69 28.88
N ASP A 170 4.99 16.77 29.26
CA ASP A 170 4.34 18.04 29.57
C ASP A 170 3.65 18.51 28.31
N ARG A 171 4.40 18.47 27.23
CA ARG A 171 3.92 18.87 25.92
C ARG A 171 2.77 17.97 25.49
N LEU A 172 2.98 16.66 25.46
CA LEU A 172 1.90 15.74 25.06
C LEU A 172 0.64 16.22 25.77
N ALA A 173 0.78 16.49 27.06
CA ALA A 173 -0.34 16.94 27.89
C ALA A 173 -1.05 18.18 27.40
N LYS A 174 -0.28 19.21 27.00
CA LYS A 174 -0.86 20.48 26.52
C LYS A 174 -1.86 20.32 25.38
N ARG A 175 -1.45 19.69 24.29
CA ARG A 175 -2.38 19.57 23.18
C ARG A 175 -2.47 18.18 22.56
N GLN A 176 -3.71 17.73 22.47
CA GLN A 176 -4.06 16.44 21.92
C GLN A 176 -5.26 16.60 20.97
N ARG A 177 -5.21 15.89 19.86
CA ARG A 177 -6.33 15.90 18.92
C ARG A 177 -7.54 15.37 19.72
N PRO A 178 -8.77 15.68 19.29
CA PRO A 178 -9.96 15.20 20.02
C PRO A 178 -10.19 13.70 19.82
N GLY A 179 -10.39 13.01 20.94
CA GLY A 179 -10.59 11.57 20.93
C GLY A 179 -9.38 10.87 21.53
N GLU A 180 -8.27 11.60 21.61
CA GLU A 180 -7.03 11.12 22.20
C GLU A 180 -7.15 10.80 23.67
N ARG A 181 -6.09 10.23 24.21
CA ARG A 181 -5.97 9.88 25.64
C ARG A 181 -4.49 9.93 25.95
N LEU A 182 -4.14 10.48 27.10
CA LEU A 182 -2.75 10.57 27.47
C LEU A 182 -2.39 9.14 27.72
N ASP A 183 -1.62 8.54 26.82
CA ASP A 183 -1.20 7.17 27.01
C ASP A 183 0.30 7.19 27.08
N LEU A 184 0.81 7.22 28.30
CA LEU A 184 2.26 7.29 28.54
C LEU A 184 3.10 6.10 28.00
N ALA A 185 2.46 4.94 27.82
CA ALA A 185 3.13 3.75 27.27
C ALA A 185 3.26 4.01 25.78
N MET A 186 2.12 4.32 25.14
CA MET A 186 2.10 4.63 23.73
C MET A 186 3.10 5.76 23.48
N LEU A 187 3.33 6.64 24.46
CA LEU A 187 4.32 7.68 24.24
C LEU A 187 5.69 7.04 24.14
N ALA A 188 5.99 6.18 25.09
CA ALA A 188 7.27 5.49 25.14
C ALA A 188 7.42 4.53 23.95
N ALA A 189 6.31 3.91 23.56
CA ALA A 189 6.28 2.99 22.42
C ALA A 189 6.65 3.79 21.18
N ILE A 190 5.95 4.90 20.99
CA ILE A 190 6.16 5.77 19.84
C ILE A 190 7.51 6.48 19.89
N ARG A 191 7.98 6.87 21.07
CA ARG A 191 9.28 7.51 21.17
C ARG A 191 10.32 6.44 20.83
N ARG A 192 10.03 5.19 21.20
CA ARG A 192 10.98 4.12 20.89
C ARG A 192 11.20 3.95 19.38
N VAL A 193 10.10 3.86 18.65
CA VAL A 193 10.12 3.72 17.20
C VAL A 193 10.89 4.79 16.45
N TYR A 194 10.60 6.07 16.69
CA TYR A 194 11.31 7.12 15.99
C TYR A 194 12.75 7.07 16.35
N GLY A 195 13.02 6.64 17.57
CA GLY A 195 14.41 6.52 18.01
C GLY A 195 15.12 5.45 17.21
N LEU A 196 14.45 4.30 17.06
CA LEU A 196 14.95 3.14 16.29
C LEU A 196 15.03 3.53 14.83
N LEU A 197 13.98 4.15 14.32
CA LEU A 197 13.98 4.60 12.94
C LEU A 197 15.17 5.52 12.66
N ALA A 198 15.45 6.46 13.54
CA ALA A 198 16.57 7.36 13.32
C ALA A 198 17.85 6.54 13.26
N ASN A 199 17.87 5.45 14.01
CA ASN A 199 19.03 4.57 14.07
C ASN A 199 19.15 3.73 12.82
N THR A 200 18.02 3.23 12.33
CA THR A 200 18.06 2.39 11.15
C THR A 200 18.65 3.15 9.98
N VAL A 201 18.22 4.39 9.81
CA VAL A 201 18.72 5.16 8.70
C VAL A 201 20.24 5.29 8.72
N ARG A 202 20.87 5.64 9.85
CA ARG A 202 22.34 5.77 9.87
C ARG A 202 22.99 4.41 9.61
N TYR A 203 22.34 3.36 10.10
CA TYR A 203 22.82 1.99 9.90
C TYR A 203 22.87 1.66 8.40
N LEU A 204 21.71 1.79 7.75
CA LEU A 204 21.63 1.51 6.33
C LEU A 204 22.67 2.33 5.57
N GLN A 205 22.71 3.63 5.87
CA GLN A 205 23.62 4.57 5.23
C GLN A 205 25.08 4.27 5.50
N CYS A 206 25.36 3.62 6.63
CA CYS A 206 26.72 3.23 6.98
C CYS A 206 27.18 1.92 6.36
N GLY A 207 26.29 1.32 5.57
CA GLY A 207 26.61 0.07 4.90
C GLY A 207 26.12 -1.18 5.58
N GLY A 208 25.39 -1.03 6.67
CA GLY A 208 24.90 -2.20 7.38
C GLY A 208 23.93 -3.08 6.61
N SER A 209 24.09 -4.39 6.73
CA SER A 209 23.20 -5.33 6.07
C SER A 209 22.51 -6.16 7.16
N TRP A 210 21.18 -6.13 7.18
CA TRP A 210 20.48 -6.86 8.23
C TRP A 210 20.68 -8.36 8.12
N ARG A 211 20.70 -8.87 6.89
CA ARG A 211 20.90 -10.30 6.67
C ARG A 211 22.24 -10.76 7.26
N GLU A 212 23.23 -9.89 7.14
CA GLU A 212 24.57 -10.16 7.59
C GLU A 212 24.75 -9.98 9.09
N ASP A 213 23.94 -9.07 9.68
CA ASP A 213 23.98 -8.79 11.12
C ASP A 213 22.86 -9.50 11.91
N TRP A 214 21.85 -10.04 11.24
CA TRP A 214 20.72 -10.68 11.91
C TRP A 214 21.05 -11.77 12.93
N GLY A 215 22.23 -12.39 12.82
CA GLY A 215 22.59 -13.44 13.76
C GLY A 215 22.98 -12.94 15.13
N GLN A 216 23.24 -11.64 15.20
CA GLN A 216 23.67 -10.99 16.43
C GLN A 216 22.52 -10.79 17.40
N LEU A 217 21.30 -10.75 16.85
CA LEU A 217 20.11 -10.57 17.68
C LEU A 217 19.89 -11.82 18.51
N SER A 218 20.63 -12.88 18.19
CA SER A 218 20.55 -14.17 18.86
C SER A 218 21.72 -14.48 19.81
N GLY A 219 22.90 -14.04 19.58
N PRO A 235 31.73 2.06 12.12
CA PRO A 235 31.09 3.11 12.94
C PRO A 235 29.58 3.08 12.70
N ARG A 236 28.81 2.37 13.53
CA ARG A 236 27.35 2.30 13.34
C ARG A 236 26.56 1.64 14.49
N PRO A 237 25.24 1.88 14.52
CA PRO A 237 24.38 1.29 15.57
C PRO A 237 24.42 -0.25 15.51
N HIS A 238 24.21 -0.89 16.64
CA HIS A 238 24.19 -2.32 16.66
C HIS A 238 22.80 -2.62 16.14
N ILE A 239 22.65 -3.58 15.23
CA ILE A 239 21.34 -3.91 14.68
C ILE A 239 20.31 -4.11 15.78
N GLY A 240 20.77 -4.22 17.01
CA GLY A 240 19.85 -4.36 18.13
C GLY A 240 19.17 -3.02 18.42
N ASP A 241 19.77 -1.95 17.93
CA ASP A 241 19.23 -0.63 18.14
C ASP A 241 18.68 -0.08 16.84
N THR A 242 18.24 -0.95 15.93
CA THR A 242 17.68 -0.53 14.67
C THR A 242 16.27 -1.05 14.61
N LEU A 243 15.51 -0.67 13.61
CA LEU A 243 14.13 -1.15 13.49
C LEU A 243 14.07 -2.62 13.21
N PHE A 244 15.18 -3.20 12.78
CA PHE A 244 15.22 -4.61 12.49
C PHE A 244 14.99 -5.47 13.71
N THR A 245 15.39 -4.98 14.87
CA THR A 245 15.20 -5.75 16.07
C THR A 245 13.75 -6.05 16.46
N LEU A 246 12.76 -5.33 15.92
CA LEU A 246 11.37 -5.59 16.28
C LEU A 246 10.84 -6.81 15.55
N PHE A 247 11.49 -7.17 14.45
CA PHE A 247 10.99 -8.28 13.66
C PHE A 247 11.65 -9.63 13.93
N ARG A 248 12.14 -9.77 15.15
CA ARG A 248 12.70 -11.03 15.59
C ARG A 248 11.43 -11.54 16.31
N ALA A 249 10.26 -11.27 15.71
CA ALA A 249 8.98 -11.65 16.31
C ALA A 249 8.60 -13.10 16.04
N PRO A 250 8.41 -13.92 17.10
CA PRO A 250 8.05 -15.34 17.02
C PRO A 250 7.03 -15.72 15.96
N GLU A 251 6.20 -14.79 15.55
CA GLU A 251 5.17 -15.10 14.56
C GLU A 251 5.70 -14.97 13.14
N LEU A 252 6.92 -14.45 13.04
CA LEU A 252 7.57 -14.21 11.76
C LEU A 252 8.62 -15.22 11.43
N LEU A 253 8.86 -16.12 12.37
CA LEU A 253 9.90 -17.13 12.26
C LEU A 253 9.37 -18.53 12.03
N ALA A 254 10.16 -19.31 11.32
CA ALA A 254 9.81 -20.68 11.03
C ALA A 254 10.12 -21.45 12.29
N PRO A 255 9.50 -22.62 12.49
CA PRO A 255 9.70 -23.47 13.66
C PRO A 255 11.17 -23.64 14.07
N ASN A 256 12.08 -23.43 13.15
CA ASN A 256 13.50 -23.54 13.44
C ASN A 256 14.12 -22.19 13.71
N GLY A 257 13.30 -21.15 13.85
CA GLY A 257 13.81 -19.83 14.16
C GLY A 257 14.05 -18.91 12.99
N ASP A 258 14.06 -19.45 11.80
CA ASP A 258 14.28 -18.64 10.61
C ASP A 258 13.17 -17.70 10.34
N LEU A 259 13.50 -16.60 9.71
CA LEU A 259 12.50 -15.63 9.31
C LEU A 259 11.90 -16.20 8.01
N TYR A 260 10.59 -16.12 7.83
CA TYR A 260 10.05 -16.61 6.57
C TYR A 260 10.53 -15.67 5.47
N ASN A 261 10.82 -16.20 4.29
CA ASN A 261 11.27 -15.35 3.19
C ASN A 261 10.37 -14.18 2.92
N VAL A 262 9.05 -14.39 2.94
CA VAL A 262 8.10 -13.29 2.69
C VAL A 262 8.56 -12.12 3.52
N PHE A 263 8.77 -12.42 4.79
CA PHE A 263 9.17 -11.41 5.74
C PHE A 263 10.58 -10.92 5.54
N ALA A 264 11.47 -11.77 5.06
CA ALA A 264 12.84 -11.31 4.86
C ALA A 264 12.83 -10.30 3.75
N TRP A 265 11.96 -10.52 2.76
CA TRP A 265 11.88 -9.60 1.66
C TRP A 265 11.32 -8.26 2.12
N ALA A 266 10.23 -8.26 2.90
CA ALA A 266 9.65 -7.01 3.40
C ALA A 266 10.70 -6.15 4.12
N LEU A 267 11.76 -6.79 4.62
CA LEU A 267 12.85 -6.08 5.29
C LEU A 267 13.86 -5.54 4.26
N ASP A 268 13.80 -6.10 3.05
CA ASP A 268 14.65 -5.63 1.97
C ASP A 268 13.95 -4.37 1.48
N VAL A 269 12.62 -4.34 1.54
CA VAL A 269 11.91 -3.14 1.14
C VAL A 269 12.19 -2.06 2.18
N LEU A 270 11.98 -2.38 3.46
CA LEU A 270 12.29 -1.44 4.54
C LEU A 270 13.70 -0.92 4.38
N ALA A 271 14.67 -1.81 4.22
CA ALA A 271 16.04 -1.37 4.05
C ALA A 271 16.19 -0.43 2.85
N LYS A 272 15.61 -0.85 1.73
CA LYS A 272 15.64 -0.15 0.46
C LYS A 272 15.04 1.26 0.61
N ARG A 273 13.82 1.34 1.11
CA ARG A 273 13.15 2.63 1.28
C ARG A 273 13.83 3.64 2.23
N LEU A 274 14.26 3.21 3.40
CA LEU A 274 14.88 4.10 4.37
C LEU A 274 16.29 4.63 4.08
N ARG A 275 17.11 3.82 3.43
CA ARG A 275 18.49 4.19 3.16
C ARG A 275 18.66 5.45 2.36
N SER A 276 17.68 5.75 1.52
CA SER A 276 17.80 6.91 0.69
C SER A 276 17.25 8.17 1.35
N MET A 277 16.68 8.07 2.54
CA MET A 277 16.12 9.25 3.16
C MET A 277 17.18 10.08 3.83
N HIS A 278 16.93 11.37 3.90
CA HIS A 278 17.85 12.30 4.50
C HIS A 278 17.17 12.74 5.79
N VAL A 279 17.67 12.24 6.91
CA VAL A 279 17.12 12.55 8.22
C VAL A 279 17.80 13.74 8.89
N PHE A 280 17.01 14.70 9.35
CA PHE A 280 17.53 15.88 10.02
C PHE A 280 16.88 15.98 11.39
N ILE A 281 17.68 16.24 12.41
CA ILE A 281 17.16 16.31 13.79
C ILE A 281 16.99 17.75 14.30
N LEU A 282 15.84 17.98 14.92
CA LEU A 282 15.48 19.27 15.48
C LEU A 282 15.24 19.04 16.94
N ASP A 283 15.95 19.80 17.76
CA ASP A 283 15.81 19.74 19.20
C ASP A 283 14.57 20.55 19.53
N TYR A 284 13.50 19.90 20.00
CA TYR A 284 12.30 20.63 20.34
C TYR A 284 12.30 21.26 21.69
N ASP A 285 13.29 20.92 22.51
CA ASP A 285 13.36 21.45 23.86
C ASP A 285 13.77 22.91 23.84
N GLN A 286 12.89 23.74 23.28
CA GLN A 286 13.11 25.17 23.18
C GLN A 286 11.80 25.88 22.84
N SER A 287 11.85 27.19 22.62
CA SER A 287 10.66 27.99 22.32
C SER A 287 10.28 27.89 20.87
N PRO A 288 8.99 28.03 20.53
CA PRO A 288 8.56 27.95 19.13
C PRO A 288 9.43 28.81 18.24
N ALA A 289 9.74 30.00 18.73
CA ALA A 289 10.58 30.91 17.97
C ALA A 289 11.89 30.19 17.66
N GLY A 290 12.44 29.55 18.70
CA GLY A 290 13.69 28.82 18.60
C GLY A 290 13.57 27.60 17.72
N CYS A 291 12.56 26.77 17.96
CA CYS A 291 12.31 25.57 17.16
C CYS A 291 12.24 26.01 15.71
N ARG A 292 11.40 27.01 15.45
CA ARG A 292 11.20 27.57 14.12
C ARG A 292 12.55 27.98 13.55
N ASP A 293 13.29 28.77 14.33
CA ASP A 293 14.61 29.25 13.92
C ASP A 293 15.57 28.11 13.63
N ALA A 294 15.36 26.98 14.31
CA ALA A 294 16.20 25.80 14.09
C ALA A 294 15.74 25.09 12.84
N LEU A 295 14.43 24.84 12.72
CA LEU A 295 13.85 24.18 11.55
C LEU A 295 14.35 24.84 10.25
N LEU A 296 14.31 26.16 10.21
CA LEU A 296 14.78 26.87 9.04
C LEU A 296 16.28 26.66 8.89
N GLN A 297 16.94 26.39 10.01
CA GLN A 297 18.37 26.22 10.04
C GLN A 297 18.87 24.94 9.35
N LEU A 298 18.18 23.84 9.59
CA LEU A 298 18.54 22.54 9.02
C LEU A 298 18.44 22.60 7.50
N THR A 299 17.47 23.39 7.05
CA THR A 299 17.16 23.61 5.65
C THR A 299 18.40 23.84 4.76
N SER A 300 19.43 24.47 5.31
CA SER A 300 20.66 24.75 4.57
C SER A 300 21.39 23.51 4.06
N GLY A 301 21.00 22.34 4.55
CA GLY A 301 21.65 21.12 4.11
C GLY A 301 20.74 20.03 3.58
N MET A 302 19.46 20.35 3.34
CA MET A 302 18.50 19.38 2.82
C MET A 302 18.69 19.28 1.33
N VAL A 303 18.21 18.19 0.73
CA VAL A 303 18.37 17.97 -0.71
C VAL A 303 17.21 18.37 -1.63
N GLN A 304 17.50 19.24 -2.59
CA GLN A 304 16.50 19.69 -3.56
C GLN A 304 16.58 18.83 -4.82
N THR A 305 15.59 18.99 -5.67
CA THR A 305 15.48 18.25 -6.90
C THR A 305 14.77 19.12 -7.90
N HIS A 306 14.96 18.80 -9.17
CA HIS A 306 14.32 19.51 -10.25
C HIS A 306 12.91 18.99 -10.38
N VAL A 307 12.07 19.69 -11.12
CA VAL A 307 10.72 19.21 -11.34
C VAL A 307 10.73 18.54 -12.72
N THR A 308 9.62 17.94 -13.10
CA THR A 308 9.56 17.25 -14.37
C THR A 308 9.06 18.10 -15.54
N THR A 309 8.19 19.07 -15.26
CA THR A 309 7.64 19.94 -16.28
C THR A 309 7.72 21.42 -15.88
N PRO A 310 7.42 22.35 -16.82
CA PRO A 310 7.48 23.78 -16.51
C PRO A 310 6.43 24.01 -15.46
N GLY A 311 5.25 23.49 -15.78
CA GLY A 311 4.09 23.60 -14.93
C GLY A 311 4.07 22.70 -13.71
N SER A 312 5.18 22.04 -13.38
CA SER A 312 5.15 21.20 -12.18
C SER A 312 4.92 22.09 -10.95
N ILE A 313 5.81 23.06 -10.73
CA ILE A 313 5.68 23.97 -9.58
C ILE A 313 4.25 24.47 -9.25
N PRO A 314 3.52 25.02 -10.26
CA PRO A 314 2.16 25.52 -10.08
C PRO A 314 1.18 24.43 -9.67
N THR A 315 1.30 23.27 -10.33
CA THR A 315 0.46 22.09 -10.04
C THR A 315 0.69 21.64 -8.61
N ILE A 316 1.96 21.54 -8.26
CA ILE A 316 2.38 21.15 -6.93
C ILE A 316 1.84 22.17 -5.92
N CYS A 317 2.04 23.45 -6.21
CA CYS A 317 1.57 24.53 -5.36
C CYS A 317 0.05 24.42 -5.15
N ASP A 318 -0.69 24.15 -6.22
CA ASP A 318 -2.15 24.04 -6.10
C ASP A 318 -2.55 22.83 -5.26
N LEU A 319 -1.88 21.71 -5.46
CA LEU A 319 -2.17 20.49 -4.73
C LEU A 319 -1.96 20.71 -3.24
N ALA A 320 -0.82 21.28 -2.89
CA ALA A 320 -0.52 21.52 -1.50
C ALA A 320 -1.50 22.50 -0.87
N ARG A 321 -2.01 23.46 -1.64
CA ARG A 321 -2.95 24.44 -1.07
C ARG A 321 -4.37 23.88 -1.00
N THR A 322 -4.71 23.05 -1.97
CA THR A 322 -6.01 22.43 -2.01
C THR A 322 -6.06 21.32 -0.97
N PHE A 323 -4.93 20.65 -0.73
CA PHE A 323 -4.88 19.60 0.28
C PHE A 323 -5.21 20.28 1.59
N ALA A 324 -4.42 21.31 1.92
CA ALA A 324 -4.60 22.11 3.13
C ALA A 324 -6.08 22.50 3.33
N ARG A 325 -6.56 23.32 2.40
CA ARG A 325 -7.94 23.83 2.38
C ARG A 325 -9.05 22.84 2.69
N GLU A 326 -8.92 21.64 2.13
CA GLU A 326 -9.92 20.61 2.27
C GLU A 326 -9.80 19.69 3.48
N MET A 327 -8.57 19.37 3.88
CA MET A 327 -8.45 18.45 5.00
C MET A 327 -7.93 19.00 6.28
N GLY A 328 -7.27 20.14 6.21
CA GLY A 328 -6.81 20.75 7.45
C GLY A 328 -8.02 21.37 8.12
N GLU A 329 -8.25 21.10 9.40
CA GLU A 329 -9.39 21.72 10.07
C GLU A 329 -8.92 23.05 10.67
N MET B 1 21.03 -8.14 -24.42
CA MET B 1 20.65 -8.27 -22.98
C MET B 1 19.47 -9.25 -22.94
N PRO B 2 19.36 -10.07 -21.86
CA PRO B 2 18.25 -11.00 -21.81
C PRO B 2 16.94 -10.26 -21.58
N THR B 3 15.84 -10.88 -22.01
CA THR B 3 14.54 -10.28 -21.84
C THR B 3 13.77 -11.12 -20.86
N LEU B 4 12.60 -10.62 -20.47
CA LEU B 4 11.76 -11.31 -19.52
C LEU B 4 10.33 -11.17 -19.99
N LEU B 5 9.51 -12.16 -19.69
CA LEU B 5 8.15 -12.06 -20.09
C LEU B 5 7.34 -12.37 -18.83
N ARG B 6 6.65 -11.34 -18.35
CA ARG B 6 5.80 -11.42 -17.17
C ARG B 6 4.37 -11.50 -17.63
N VAL B 7 3.64 -12.44 -17.03
CA VAL B 7 2.26 -12.67 -17.37
C VAL B 7 1.56 -12.97 -16.05
N TYR B 8 0.54 -12.15 -15.74
CA TYR B 8 -0.28 -12.25 -14.52
C TYR B 8 -1.65 -12.77 -14.94
N ILE B 9 -2.09 -13.89 -14.39
CA ILE B 9 -3.39 -14.44 -14.75
C ILE B 9 -4.35 -14.07 -13.62
N ASP B 10 -5.31 -13.21 -13.89
CA ASP B 10 -6.25 -12.75 -12.88
C ASP B 10 -7.65 -12.93 -13.37
N GLY B 11 -8.61 -12.56 -12.52
CA GLY B 11 -10.00 -12.64 -12.89
C GLY B 11 -10.79 -13.22 -11.74
N PRO B 12 -12.08 -13.38 -11.91
CA PRO B 12 -12.90 -13.94 -10.85
C PRO B 12 -12.39 -15.31 -10.50
N HIS B 13 -12.59 -15.69 -9.26
CA HIS B 13 -12.16 -17.02 -8.86
C HIS B 13 -13.15 -18.00 -9.47
N GLY B 14 -12.75 -19.27 -9.58
CA GLY B 14 -13.63 -20.29 -10.10
C GLY B 14 -13.76 -20.48 -11.59
N MET B 15 -12.78 -20.02 -12.34
CA MET B 15 -12.76 -20.15 -13.79
C MET B 15 -11.73 -21.18 -14.24
N GLY B 16 -10.85 -21.57 -13.32
CA GLY B 16 -9.83 -22.54 -13.62
C GLY B 16 -8.51 -21.88 -13.94
N LYS B 17 -8.27 -20.71 -13.38
CA LYS B 17 -7.04 -19.98 -13.66
C LYS B 17 -5.75 -20.67 -13.21
N THR B 18 -5.71 -21.13 -11.96
CA THR B 18 -4.51 -21.78 -11.43
C THR B 18 -4.10 -23.05 -12.19
N THR B 19 -5.08 -23.86 -12.56
CA THR B 19 -4.85 -25.10 -13.29
C THR B 19 -4.04 -24.88 -14.56
N THR B 20 -4.65 -24.16 -15.49
CA THR B 20 -4.05 -23.89 -16.78
C THR B 20 -2.66 -23.27 -16.71
N THR B 21 -2.47 -22.30 -15.82
CA THR B 21 -1.14 -21.70 -15.68
C THR B 21 -0.14 -22.81 -15.36
N GLN B 22 -0.53 -23.76 -14.51
CA GLN B 22 0.36 -24.87 -14.20
C GLN B 22 0.51 -25.67 -15.45
N LEU B 23 -0.62 -26.02 -16.07
CA LEU B 23 -0.59 -26.77 -17.32
C LEU B 23 0.44 -26.16 -18.23
N LEU B 24 0.24 -24.88 -18.54
CA LEU B 24 1.10 -24.10 -19.40
C LEU B 24 2.55 -24.14 -19.02
N VAL B 25 2.79 -24.17 -17.71
CA VAL B 25 4.14 -24.16 -17.16
C VAL B 25 4.80 -25.51 -17.25
N ALA B 26 3.98 -26.55 -17.36
CA ALA B 26 4.48 -27.92 -17.46
C ALA B 26 5.00 -28.20 -18.88
N LEU B 27 4.98 -27.15 -19.71
CA LEU B 27 5.47 -27.19 -21.07
C LEU B 27 6.77 -26.34 -21.11
N GLY B 28 6.98 -25.68 -22.14
N ASP B 32 13.19 -21.80 -17.68
CA ASP B 32 12.91 -20.55 -18.43
C ASP B 32 11.44 -20.18 -18.35
N ILE B 33 10.69 -20.92 -17.58
CA ILE B 33 9.30 -20.58 -17.38
C ILE B 33 9.08 -21.00 -15.95
N VAL B 34 8.80 -20.02 -15.11
CA VAL B 34 8.59 -20.32 -13.71
C VAL B 34 7.24 -19.74 -13.37
N TYR B 35 6.61 -20.35 -12.39
CA TYR B 35 5.30 -19.99 -11.90
C TYR B 35 5.44 -19.29 -10.53
N VAL B 36 4.46 -18.46 -10.21
CA VAL B 36 4.39 -17.78 -8.91
C VAL B 36 2.91 -17.99 -8.58
N PRO B 37 2.63 -19.00 -7.74
CA PRO B 37 1.30 -19.40 -7.29
C PRO B 37 0.62 -18.43 -6.28
N GLU B 38 -0.55 -18.83 -5.80
CA GLU B 38 -1.28 -18.07 -4.83
C GLU B 38 -0.62 -18.48 -3.55
N PRO B 39 -0.37 -17.53 -2.65
CA PRO B 39 0.27 -17.81 -1.35
C PRO B 39 -0.67 -18.32 -0.23
N MET B 40 -1.39 -19.39 -0.51
CA MET B 40 -2.32 -19.95 0.46
C MET B 40 -1.74 -20.20 1.85
N THR B 41 -0.49 -20.66 1.94
CA THR B 41 0.07 -20.93 3.26
C THR B 41 0.20 -19.67 4.11
N TYR B 42 0.29 -18.55 3.42
CA TYR B 42 0.39 -17.27 4.09
C TYR B 42 -1.01 -16.93 4.60
N TRP B 43 -2.00 -17.19 3.76
CA TRP B 43 -3.41 -16.93 4.07
C TRP B 43 -3.95 -17.84 5.16
N ARG B 44 -3.50 -19.08 5.15
CA ARG B 44 -4.00 -20.03 6.12
C ARG B 44 -3.25 -20.09 7.39
N VAL B 45 -1.97 -19.72 7.34
CA VAL B 45 -1.10 -19.81 8.49
C VAL B 45 -0.16 -18.63 8.79
N LEU B 46 0.78 -18.39 7.91
CA LEU B 46 1.80 -17.36 8.10
C LEU B 46 1.37 -15.92 8.46
N GLY B 47 0.63 -15.25 7.58
CA GLY B 47 0.21 -13.88 7.84
C GLY B 47 -0.91 -13.80 8.87
N ALA B 48 -1.86 -14.71 8.76
CA ALA B 48 -2.98 -14.76 9.68
C ALA B 48 -3.47 -16.19 9.66
N SER B 49 -4.49 -16.49 10.43
CA SER B 49 -5.02 -17.85 10.47
C SER B 49 -6.31 -18.00 9.66
N GLU B 50 -6.26 -18.75 8.57
CA GLU B 50 -7.44 -18.99 7.71
C GLU B 50 -8.09 -17.74 7.14
N THR B 51 -7.30 -16.85 6.55
CA THR B 51 -7.92 -15.63 6.05
C THR B 51 -9.13 -15.84 5.13
N ILE B 52 -9.07 -16.78 4.21
CA ILE B 52 -10.22 -16.97 3.33
C ILE B 52 -11.47 -17.40 4.09
N ALA B 53 -11.30 -18.24 5.10
CA ALA B 53 -12.43 -18.70 5.89
C ALA B 53 -13.04 -17.48 6.57
N ASN B 54 -12.17 -16.61 7.06
CA ASN B 54 -12.55 -15.38 7.74
C ASN B 54 -13.41 -14.46 6.85
N ILE B 55 -12.97 -14.30 5.59
CA ILE B 55 -13.64 -13.47 4.60
C ILE B 55 -15.08 -13.93 4.32
N TYR B 56 -15.22 -15.18 3.90
CA TYR B 56 -16.54 -15.71 3.56
C TYR B 56 -17.55 -15.82 4.73
N THR B 57 -17.04 -15.93 5.95
CA THR B 57 -17.87 -16.01 7.16
C THR B 57 -18.37 -14.61 7.55
N THR B 58 -17.47 -13.64 7.45
CA THR B 58 -17.78 -12.27 7.80
C THR B 58 -18.95 -11.78 6.97
N GLN B 59 -18.77 -11.82 5.65
CA GLN B 59 -19.79 -11.40 4.71
C GLN B 59 -21.06 -12.09 5.15
N HIS B 60 -20.94 -13.39 5.32
CA HIS B 60 -22.03 -14.23 5.74
C HIS B 60 -22.64 -13.77 7.07
N ARG B 61 -21.79 -13.35 8.00
CA ARG B 61 -22.30 -12.87 9.28
C ARG B 61 -23.09 -11.60 9.04
N LEU B 62 -22.49 -10.67 8.29
CA LEU B 62 -23.13 -9.41 7.93
C LEU B 62 -24.49 -9.68 7.31
N ASP B 63 -24.50 -10.58 6.34
CA ASP B 63 -25.74 -10.92 5.65
C ASP B 63 -26.79 -11.51 6.60
N GLN B 64 -26.34 -12.27 7.59
CA GLN B 64 -27.26 -12.84 8.58
C GLN B 64 -27.72 -11.76 9.55
N GLY B 65 -27.13 -10.58 9.44
CA GLY B 65 -27.47 -9.48 10.32
C GLY B 65 -26.93 -9.73 11.72
N GLU B 66 -25.90 -10.57 11.78
CA GLU B 66 -25.26 -10.96 13.04
C GLU B 66 -24.10 -10.02 13.43
N ILE B 67 -23.75 -9.11 12.52
CA ILE B 67 -22.71 -8.11 12.81
C ILE B 67 -23.25 -6.93 12.05
N SER B 68 -22.46 -5.87 12.02
CA SER B 68 -22.86 -4.65 11.33
C SER B 68 -22.00 -4.48 10.10
N ALA B 69 -22.23 -3.36 9.42
CA ALA B 69 -21.51 -3.03 8.22
C ALA B 69 -20.12 -2.51 8.57
N GLY B 70 -20.01 -1.88 9.74
CA GLY B 70 -18.72 -1.33 10.16
C GLY B 70 -17.79 -2.35 10.76
N ASP B 71 -18.35 -3.49 11.13
CA ASP B 71 -17.58 -4.58 11.70
C ASP B 71 -16.96 -5.34 10.54
N ALA B 72 -17.78 -5.54 9.51
CA ALA B 72 -17.36 -6.23 8.32
C ALA B 72 -16.25 -5.43 7.68
N ALA B 73 -16.50 -4.15 7.43
CA ALA B 73 -15.50 -3.29 6.80
C ALA B 73 -14.15 -3.33 7.51
N VAL B 74 -14.20 -3.30 8.83
CA VAL B 74 -12.98 -3.34 9.64
C VAL B 74 -12.30 -4.68 9.44
N VAL B 75 -13.08 -5.75 9.43
CA VAL B 75 -12.53 -7.08 9.24
C VAL B 75 -12.09 -7.32 7.79
N MET B 76 -12.93 -6.91 6.84
CA MET B 76 -12.62 -7.10 5.44
C MET B 76 -11.36 -6.35 5.06
N THR B 77 -11.27 -5.09 5.46
CA THR B 77 -10.10 -4.27 5.15
C THR B 77 -8.88 -4.94 5.72
N SER B 78 -9.08 -5.55 6.87
CA SER B 78 -7.97 -6.19 7.58
C SER B 78 -7.56 -7.44 6.85
N ALA B 79 -8.55 -8.19 6.37
CA ALA B 79 -8.30 -9.41 5.64
C ALA B 79 -7.60 -9.16 4.30
N GLN B 80 -7.95 -8.06 3.62
CA GLN B 80 -7.35 -7.71 2.33
C GLN B 80 -5.90 -7.32 2.41
N ILE B 81 -5.51 -6.74 3.54
CA ILE B 81 -4.11 -6.36 3.71
C ILE B 81 -3.27 -7.62 3.80
N THR B 82 -3.85 -8.70 4.35
CA THR B 82 -3.14 -9.96 4.49
C THR B 82 -3.10 -10.62 3.13
N MET B 83 -4.26 -10.75 2.47
CA MET B 83 -4.32 -11.34 1.14
C MET B 83 -3.31 -10.78 0.13
N GLY B 84 -3.10 -9.48 0.13
CA GLY B 84 -2.19 -8.95 -0.86
C GLY B 84 -0.78 -8.71 -0.42
N MET B 85 -0.44 -9.08 0.79
CA MET B 85 0.91 -8.83 1.30
C MET B 85 1.97 -9.47 0.44
N PRO B 86 1.88 -10.79 0.17
CA PRO B 86 2.88 -11.48 -0.65
C PRO B 86 3.08 -10.93 -2.03
N TYR B 87 1.99 -10.51 -2.67
CA TYR B 87 2.03 -9.91 -3.99
C TYR B 87 2.83 -8.61 -3.90
N ALA B 88 2.44 -7.79 -2.93
CA ALA B 88 3.08 -6.51 -2.67
C ALA B 88 4.59 -6.66 -2.39
N VAL B 89 5.01 -7.62 -1.56
CA VAL B 89 6.44 -7.78 -1.32
C VAL B 89 7.14 -8.23 -2.61
N THR B 90 6.55 -9.20 -3.30
CA THR B 90 7.12 -9.72 -4.54
C THR B 90 7.38 -8.62 -5.56
N ASP B 91 6.32 -7.86 -5.86
CA ASP B 91 6.40 -6.75 -6.81
C ASP B 91 7.51 -5.74 -6.47
N ALA B 92 7.65 -5.40 -5.19
CA ALA B 92 8.67 -4.44 -4.79
C ALA B 92 10.08 -4.98 -4.92
N VAL B 93 10.23 -6.29 -4.74
CA VAL B 93 11.55 -6.93 -4.78
C VAL B 93 12.01 -7.14 -6.22
N LEU B 94 11.04 -7.44 -7.05
CA LEU B 94 11.29 -7.68 -8.43
C LEU B 94 11.53 -6.36 -9.20
N ALA B 95 10.65 -5.37 -8.97
CA ALA B 95 10.70 -4.06 -9.64
C ALA B 95 12.04 -3.48 -10.07
N PRO B 96 13.05 -3.53 -9.20
CA PRO B 96 14.33 -2.95 -9.65
C PRO B 96 15.02 -3.65 -10.79
N HIS B 97 14.71 -4.92 -11.02
CA HIS B 97 15.31 -5.67 -12.11
C HIS B 97 14.56 -5.41 -13.41
N ILE B 98 13.25 -5.20 -13.32
CA ILE B 98 12.40 -4.94 -14.47
C ILE B 98 12.92 -3.70 -15.15
N GLY B 99 13.28 -3.85 -16.42
CA GLY B 99 13.83 -2.77 -17.24
C GLY B 99 13.01 -2.33 -18.45
N GLY B 100 13.66 -1.85 -19.49
CA GLY B 100 12.89 -1.38 -20.63
C GLY B 100 12.18 -2.47 -21.41
N GLU B 101 11.00 -2.15 -21.96
CA GLU B 101 10.31 -3.14 -22.78
C GLU B 101 11.22 -3.42 -23.98
N ALA B 102 11.10 -4.61 -24.53
CA ALA B 102 11.94 -4.97 -25.65
C ALA B 102 11.02 -5.29 -26.81
N GLY B 103 10.01 -6.01 -26.61
N PRO B 109 13.38 -15.35 -28.21
CA PRO B 109 12.41 -15.92 -27.22
C PRO B 109 12.88 -15.47 -25.83
N PRO B 110 11.94 -15.22 -24.90
CA PRO B 110 12.19 -14.76 -23.52
C PRO B 110 13.20 -15.62 -22.81
N ALA B 111 14.14 -15.00 -22.08
CA ALA B 111 15.12 -15.81 -21.32
C ALA B 111 14.42 -16.46 -20.11
N LEU B 112 13.41 -15.76 -19.60
CA LEU B 112 12.62 -16.22 -18.47
C LEU B 112 11.17 -15.79 -18.64
N THR B 113 10.26 -16.66 -18.27
CA THR B 113 8.86 -16.36 -18.35
C THR B 113 8.34 -16.65 -16.96
N LEU B 114 7.81 -15.60 -16.33
CA LEU B 114 7.27 -15.66 -14.99
C LEU B 114 5.77 -15.65 -15.12
N ILE B 115 5.13 -16.76 -14.75
CA ILE B 115 3.68 -16.91 -14.85
C ILE B 115 3.07 -16.71 -13.49
N PHE B 116 2.67 -15.47 -13.22
CA PHE B 116 2.07 -15.11 -11.96
C PHE B 116 0.63 -15.53 -11.88
N ASP B 117 0.19 -15.80 -10.66
CA ASP B 117 -1.18 -16.16 -10.39
C ASP B 117 -1.76 -14.96 -9.61
N ARG B 118 -2.53 -14.13 -10.31
CA ARG B 118 -3.13 -12.90 -9.79
C ARG B 118 -2.09 -11.80 -9.66
N HIS B 119 -2.49 -10.58 -9.98
CA HIS B 119 -1.64 -9.39 -9.93
C HIS B 119 -1.98 -8.61 -8.67
N PRO B 120 -1.03 -7.81 -8.16
CA PRO B 120 -1.30 -7.03 -6.94
C PRO B 120 -2.67 -6.32 -6.90
N ILE B 121 -3.08 -5.72 -8.04
CA ILE B 121 -4.35 -5.01 -8.14
C ILE B 121 -5.55 -5.84 -7.75
N ALA B 122 -5.43 -7.17 -7.77
CA ALA B 122 -6.56 -8.02 -7.40
C ALA B 122 -6.90 -7.83 -5.94
N ALA B 123 -5.88 -7.62 -5.15
CA ALA B 123 -6.04 -7.46 -3.71
C ALA B 123 -6.18 -6.00 -3.31
N LEU B 124 -5.56 -5.13 -4.10
CA LEU B 124 -5.60 -3.71 -3.87
C LEU B 124 -6.70 -3.00 -4.61
N LEU B 125 -7.47 -3.72 -5.43
CA LEU B 125 -8.55 -3.09 -6.18
C LEU B 125 -9.82 -3.91 -6.40
N CYS B 126 -9.70 -4.98 -7.17
CA CYS B 126 -10.84 -5.81 -7.53
C CYS B 126 -11.56 -6.43 -6.38
N TYR B 127 -10.84 -7.18 -5.55
CA TYR B 127 -11.49 -7.78 -4.39
C TYR B 127 -12.10 -6.74 -3.43
N PRO B 128 -11.39 -5.61 -3.24
CA PRO B 128 -11.91 -4.55 -2.37
C PRO B 128 -13.19 -3.97 -2.98
N ALA B 129 -13.09 -3.60 -4.25
CA ALA B 129 -14.20 -3.02 -4.99
C ALA B 129 -15.45 -3.89 -4.93
N ALA B 130 -15.27 -5.21 -5.06
CA ALA B 130 -16.37 -6.17 -5.01
C ALA B 130 -16.97 -6.26 -3.62
N ARG B 131 -16.12 -6.24 -2.60
CA ARG B 131 -16.60 -6.27 -1.22
C ARG B 131 -17.44 -5.02 -0.99
N TYR B 132 -16.95 -3.89 -1.47
CA TYR B 132 -17.66 -2.63 -1.37
C TYR B 132 -19.06 -2.81 -1.99
N LEU B 133 -19.10 -3.37 -3.19
CA LEU B 133 -20.36 -3.62 -3.88
C LEU B 133 -21.22 -4.58 -3.08
N MET B 134 -20.60 -5.32 -2.13
CA MET B 134 -21.29 -6.27 -1.25
C MET B 134 -21.64 -5.62 0.10
N GLY B 135 -21.17 -4.39 0.29
CA GLY B 135 -21.43 -3.68 1.52
C GLY B 135 -20.62 -4.12 2.72
N SER B 136 -19.43 -4.66 2.48
CA SER B 136 -18.58 -5.10 3.58
C SER B 136 -17.30 -4.32 3.45
N MET B 137 -17.37 -3.22 2.73
CA MET B 137 -16.26 -2.34 2.53
C MET B 137 -16.81 -1.01 2.10
N THR B 138 -16.03 0.03 2.38
CA THR B 138 -16.37 1.40 2.08
C THR B 138 -15.52 1.88 0.93
N PRO B 139 -16.06 2.75 0.09
CA PRO B 139 -15.29 3.26 -1.04
C PRO B 139 -14.08 4.05 -0.57
N GLN B 140 -14.09 4.55 0.66
CA GLN B 140 -12.92 5.29 1.13
C GLN B 140 -11.75 4.34 1.30
N ALA B 141 -12.05 3.17 1.85
CA ALA B 141 -11.07 2.13 2.05
C ALA B 141 -10.55 1.65 0.68
N VAL B 142 -11.42 1.42 -0.31
CA VAL B 142 -11.00 1.00 -1.66
C VAL B 142 -9.97 1.98 -2.21
N LEU B 143 -10.34 3.26 -2.23
CA LEU B 143 -9.47 4.30 -2.71
C LEU B 143 -8.17 4.41 -1.91
N ALA B 144 -8.19 3.92 -0.67
CA ALA B 144 -6.98 3.92 0.16
C ALA B 144 -6.06 2.87 -0.48
N PHE B 145 -6.62 1.69 -0.75
CA PHE B 145 -5.84 0.62 -1.37
C PHE B 145 -5.33 1.03 -2.73
N VAL B 146 -6.20 1.67 -3.49
CA VAL B 146 -5.88 2.15 -4.82
C VAL B 146 -4.69 3.10 -4.80
N ALA B 147 -4.56 3.87 -3.72
CA ALA B 147 -3.45 4.80 -3.62
C ALA B 147 -2.20 4.02 -3.30
N LEU B 148 -2.38 2.81 -2.78
CA LEU B 148 -1.26 1.95 -2.43
C LEU B 148 -0.85 0.98 -3.52
N ILE B 149 -1.59 0.96 -4.64
CA ILE B 149 -1.27 0.10 -5.78
C ILE B 149 0.12 0.56 -6.17
N PRO B 150 1.05 -0.38 -6.41
CA PRO B 150 2.35 0.15 -6.78
C PRO B 150 2.48 0.52 -8.23
N PRO B 151 3.48 1.35 -8.53
CA PRO B 151 3.76 1.83 -9.87
C PRO B 151 3.78 0.67 -10.85
N THR B 152 3.04 0.80 -11.96
CA THR B 152 2.95 -0.24 -12.99
C THR B 152 4.22 -0.42 -13.77
N LEU B 153 4.85 -1.56 -13.54
CA LEU B 153 6.10 -1.89 -14.20
C LEU B 153 5.90 -2.04 -15.70
N PRO B 154 6.97 -1.82 -16.45
CA PRO B 154 6.83 -1.98 -17.88
C PRO B 154 6.60 -3.47 -18.20
N GLY B 155 5.72 -3.77 -19.15
CA GLY B 155 5.53 -5.14 -19.52
C GLY B 155 4.52 -5.82 -18.65
N THR B 156 3.64 -5.06 -18.03
CA THR B 156 2.63 -5.67 -17.21
C THR B 156 1.52 -6.18 -18.11
N ASN B 157 1.57 -7.49 -18.35
CA ASN B 157 0.61 -8.17 -19.21
C ASN B 157 -0.36 -8.88 -18.29
N ILE B 158 -1.65 -8.61 -18.44
CA ILE B 158 -2.68 -9.22 -17.59
C ILE B 158 -3.68 -10.01 -18.42
N VAL B 159 -3.81 -11.30 -18.14
CA VAL B 159 -4.74 -12.12 -18.89
C VAL B 159 -5.95 -12.34 -17.99
N LEU B 160 -7.09 -11.80 -18.40
CA LEU B 160 -8.31 -11.96 -17.62
C LEU B 160 -9.10 -13.10 -18.20
N GLY B 161 -9.93 -13.74 -17.38
CA GLY B 161 -10.70 -14.86 -17.85
C GLY B 161 -12.19 -14.71 -18.06
N ALA B 162 -12.62 -14.97 -19.29
CA ALA B 162 -14.03 -14.91 -19.64
C ALA B 162 -14.62 -16.31 -19.47
N LEU B 163 -15.92 -16.36 -19.21
CA LEU B 163 -16.61 -17.61 -18.98
C LEU B 163 -18.03 -17.25 -18.62
N PRO B 164 -19.00 -17.77 -19.36
CA PRO B 164 -20.40 -17.50 -19.11
C PRO B 164 -20.77 -17.76 -17.65
N GLU B 165 -21.74 -17.01 -17.16
CA GLU B 165 -22.12 -17.12 -15.76
C GLU B 165 -22.54 -18.48 -15.23
N ASP B 166 -23.60 -19.05 -15.78
CA ASP B 166 -24.09 -20.38 -15.33
C ASP B 166 -22.95 -21.42 -15.31
N ARG B 167 -22.14 -21.39 -16.37
CA ARG B 167 -20.99 -22.26 -16.51
C ARG B 167 -20.00 -21.89 -15.40
N HIS B 168 -19.97 -20.62 -14.99
CA HIS B 168 -19.07 -20.17 -13.91
C HIS B 168 -19.60 -20.67 -12.57
N ILE B 169 -20.90 -20.45 -12.37
CA ILE B 169 -21.58 -20.87 -11.17
C ILE B 169 -21.21 -22.33 -10.93
N ASP B 170 -21.53 -23.19 -11.89
CA ASP B 170 -21.21 -24.61 -11.81
C ASP B 170 -19.75 -24.85 -11.40
N ARG B 171 -18.82 -24.19 -12.07
CA ARG B 171 -17.44 -24.37 -11.70
C ARG B 171 -17.14 -23.90 -10.31
N LEU B 172 -17.63 -22.69 -9.97
CA LEU B 172 -17.36 -22.15 -8.63
C LEU B 172 -17.81 -23.18 -7.61
N ALA B 173 -19.07 -23.62 -7.75
CA ALA B 173 -19.70 -24.59 -6.83
C ALA B 173 -18.72 -25.72 -6.59
N LYS B 174 -17.90 -25.94 -7.61
CA LYS B 174 -16.87 -26.97 -7.65
C LYS B 174 -15.52 -26.55 -7.09
N ARG B 175 -14.96 -25.47 -7.61
CA ARG B 175 -13.66 -24.93 -7.19
C ARG B 175 -13.63 -24.09 -5.89
N GLN B 176 -14.34 -24.55 -4.84
CA GLN B 176 -14.36 -23.84 -3.53
C GLN B 176 -12.96 -23.83 -2.93
N ARG B 177 -12.77 -23.03 -1.89
CA ARG B 177 -11.48 -22.89 -1.21
C ARG B 177 -11.70 -23.30 0.27
N PRO B 178 -10.64 -23.70 1.00
CA PRO B 178 -10.88 -24.09 2.40
C PRO B 178 -11.42 -22.90 3.17
N GLY B 179 -12.69 -22.96 3.53
CA GLY B 179 -13.31 -21.88 4.28
C GLY B 179 -14.18 -21.01 3.40
N GLU B 180 -14.21 -21.35 2.12
CA GLU B 180 -15.00 -20.60 1.20
C GLU B 180 -16.45 -21.07 1.24
N ARG B 181 -17.37 -20.16 0.92
CA ARG B 181 -18.79 -20.45 0.89
C ARG B 181 -19.25 -20.10 -0.52
N LEU B 182 -20.22 -20.86 -1.01
CA LEU B 182 -20.74 -20.59 -2.32
C LEU B 182 -21.54 -19.30 -2.20
N ASP B 183 -20.96 -18.20 -2.67
CA ASP B 183 -21.60 -16.89 -2.62
C ASP B 183 -21.70 -16.36 -4.04
N LEU B 184 -22.80 -16.65 -4.73
CA LEU B 184 -22.99 -16.21 -6.11
C LEU B 184 -23.03 -14.70 -6.21
N ALA B 185 -23.61 -14.08 -5.19
CA ALA B 185 -23.70 -12.65 -5.11
C ALA B 185 -22.30 -12.07 -5.25
N MET B 186 -21.35 -12.66 -4.53
CA MET B 186 -19.96 -12.18 -4.58
C MET B 186 -19.38 -12.53 -5.97
N LEU B 187 -19.84 -13.65 -6.53
CA LEU B 187 -19.39 -14.06 -7.83
C LEU B 187 -19.83 -12.95 -8.78
N ALA B 188 -21.12 -12.62 -8.76
CA ALA B 188 -21.62 -11.58 -9.66
C ALA B 188 -20.85 -10.29 -9.46
N ALA B 189 -20.64 -9.91 -8.20
CA ALA B 189 -19.89 -8.70 -7.86
C ALA B 189 -18.49 -8.77 -8.44
N ILE B 190 -17.78 -9.85 -8.14
CA ILE B 190 -16.42 -10.02 -8.64
C ILE B 190 -16.41 -10.06 -10.20
N ARG B 191 -17.47 -10.62 -10.77
CA ARG B 191 -17.57 -10.69 -12.21
C ARG B 191 -17.73 -9.28 -12.75
N ARG B 192 -18.58 -8.47 -12.11
CA ARG B 192 -18.78 -7.09 -12.57
C ARG B 192 -17.51 -6.26 -12.45
N VAL B 193 -16.87 -6.33 -11.30
CA VAL B 193 -15.64 -5.56 -11.10
C VAL B 193 -14.54 -5.84 -12.17
N TYR B 194 -14.27 -7.10 -12.51
CA TYR B 194 -13.26 -7.41 -13.54
C TYR B 194 -13.67 -6.96 -14.98
N GLY B 195 -14.97 -6.97 -15.25
CA GLY B 195 -15.43 -6.53 -16.55
C GLY B 195 -15.16 -5.04 -16.67
N LEU B 196 -15.30 -4.32 -15.55
CA LEU B 196 -15.08 -2.88 -15.54
C LEU B 196 -13.61 -2.56 -15.72
N LEU B 197 -12.74 -3.44 -15.21
CA LEU B 197 -11.30 -3.26 -15.27
C LEU B 197 -10.86 -3.28 -16.70
N ALA B 198 -11.33 -4.28 -17.44
CA ALA B 198 -10.99 -4.40 -18.85
C ALA B 198 -11.48 -3.14 -19.56
N ASN B 199 -12.76 -2.81 -19.43
CA ASN B 199 -13.39 -1.62 -20.05
C ASN B 199 -12.60 -0.39 -19.72
N THR B 200 -12.22 -0.26 -18.45
CA THR B 200 -11.44 0.86 -17.95
C THR B 200 -10.10 0.96 -18.66
N VAL B 201 -9.37 -0.14 -18.74
CA VAL B 201 -8.07 -0.10 -19.40
C VAL B 201 -8.31 0.28 -20.87
N ARG B 202 -9.39 -0.22 -21.46
CA ARG B 202 -9.67 0.16 -22.83
C ARG B 202 -10.00 1.63 -22.83
N TYR B 203 -10.87 2.03 -21.90
CA TYR B 203 -11.26 3.42 -21.80
C TYR B 203 -10.06 4.35 -21.72
N LEU B 204 -9.15 4.08 -20.79
CA LEU B 204 -7.96 4.92 -20.60
C LEU B 204 -7.04 4.99 -21.78
N GLN B 205 -6.94 3.88 -22.47
CA GLN B 205 -6.06 3.80 -23.62
C GLN B 205 -6.62 4.49 -24.87
N CYS B 206 -7.93 4.47 -25.06
CA CYS B 206 -8.55 5.13 -26.22
C CYS B 206 -8.67 6.63 -25.96
N GLY B 207 -7.83 7.15 -25.06
CA GLY B 207 -7.81 8.56 -24.71
C GLY B 207 -8.77 9.02 -23.59
N GLY B 208 -9.57 8.11 -23.05
CA GLY B 208 -10.52 8.47 -22.01
C GLY B 208 -9.90 9.21 -20.84
N SER B 209 -10.69 10.11 -20.27
CA SER B 209 -10.31 10.94 -19.12
C SER B 209 -11.56 11.04 -18.23
N TRP B 210 -11.50 10.42 -17.05
CA TRP B 210 -12.64 10.42 -16.16
C TRP B 210 -13.14 11.78 -15.74
N ARG B 211 -12.24 12.71 -15.44
CA ARG B 211 -12.63 14.05 -15.00
C ARG B 211 -13.48 14.75 -16.04
N GLU B 212 -13.10 14.54 -17.31
CA GLU B 212 -13.77 15.12 -18.47
C GLU B 212 -15.13 14.45 -18.63
N ASP B 213 -15.14 13.12 -18.55
CA ASP B 213 -16.40 12.40 -18.71
C ASP B 213 -17.14 12.18 -17.42
N TRP B 214 -16.60 12.68 -16.33
CA TRP B 214 -17.21 12.52 -15.01
C TRP B 214 -18.62 12.96 -15.05
N GLY B 215 -18.90 14.01 -15.78
CA GLY B 215 -20.27 14.50 -15.81
C GLY B 215 -21.27 13.51 -16.35
N GLN B 216 -20.79 12.56 -17.12
CA GLN B 216 -21.65 11.59 -17.77
C GLN B 216 -22.25 10.43 -16.98
N LEU B 217 -21.76 10.22 -15.76
CA LEU B 217 -22.26 9.14 -14.90
C LEU B 217 -23.65 9.43 -14.35
N SER B 218 -23.82 10.53 -13.79
N ALA B 233 -9.49 -4.44 -27.29
CA ALA B 233 -10.11 -4.31 -28.63
C ALA B 233 -11.38 -3.48 -28.56
N GLY B 234 -11.84 -3.00 -29.71
CA GLY B 234 -13.05 -2.23 -29.77
C GLY B 234 -12.95 -0.73 -29.63
N PRO B 235 -14.10 -0.08 -29.48
CA PRO B 235 -14.27 1.35 -29.33
C PRO B 235 -14.13 1.75 -27.88
N ARG B 236 -13.95 3.04 -27.63
CA ARG B 236 -13.80 3.52 -26.28
C ARG B 236 -15.11 3.29 -25.54
N PRO B 237 -15.04 2.70 -24.33
CA PRO B 237 -16.23 2.44 -23.52
C PRO B 237 -16.80 3.74 -22.88
N HIS B 238 -18.04 3.66 -22.40
CA HIS B 238 -18.70 4.76 -21.74
C HIS B 238 -18.15 4.73 -20.33
N ILE B 239 -17.66 5.88 -19.83
CA ILE B 239 -17.12 5.96 -18.47
C ILE B 239 -18.01 5.18 -17.50
N GLY B 240 -19.32 5.16 -17.74
CA GLY B 240 -20.23 4.43 -16.86
C GLY B 240 -20.11 2.91 -16.95
N ASP B 241 -19.25 2.46 -17.84
CA ASP B 241 -18.99 1.04 -18.02
C ASP B 241 -17.57 0.74 -17.54
N THR B 242 -17.02 1.68 -16.77
CA THR B 242 -15.69 1.58 -16.21
C THR B 242 -15.76 1.63 -14.67
N LEU B 243 -14.62 1.44 -14.00
CA LEU B 243 -14.57 1.45 -12.53
C LEU B 243 -14.90 2.81 -11.90
N PHE B 244 -14.61 3.87 -12.65
CA PHE B 244 -14.89 5.22 -12.19
C PHE B 244 -16.33 5.37 -11.70
N THR B 245 -17.21 4.55 -12.25
CA THR B 245 -18.60 4.57 -11.88
C THR B 245 -18.88 3.93 -10.52
N LEU B 246 -17.90 3.27 -9.93
CA LEU B 246 -18.11 2.65 -8.64
C LEU B 246 -18.04 3.77 -7.60
N PHE B 247 -17.23 4.76 -7.92
CA PHE B 247 -16.97 5.86 -7.02
C PHE B 247 -17.88 7.08 -7.03
N ARG B 248 -19.14 6.86 -7.38
CA ARG B 248 -20.12 7.94 -7.43
C ARG B 248 -20.97 7.80 -6.17
N ALA B 249 -20.30 7.67 -5.03
CA ALA B 249 -20.99 7.46 -3.76
C ALA B 249 -21.14 8.70 -2.88
N PRO B 250 -22.28 8.82 -2.16
CA PRO B 250 -22.55 9.96 -1.28
C PRO B 250 -21.37 10.24 -0.36
N GLU B 251 -20.75 9.18 0.13
CA GLU B 251 -19.61 9.27 1.02
C GLU B 251 -18.44 10.05 0.48
N LEU B 252 -18.28 10.02 -0.83
CA LEU B 252 -17.11 10.66 -1.41
C LEU B 252 -17.34 12.07 -1.96
N LEU B 253 -18.60 12.49 -1.91
CA LEU B 253 -19.03 13.78 -2.43
C LEU B 253 -19.06 14.91 -1.40
N ALA B 254 -18.72 16.10 -1.88
CA ALA B 254 -18.73 17.31 -1.08
C ALA B 254 -20.15 17.84 -1.15
N PRO B 255 -20.59 18.68 -0.18
CA PRO B 255 -21.97 19.21 -0.23
C PRO B 255 -22.21 19.92 -1.60
N ASN B 256 -21.14 20.48 -2.17
CA ASN B 256 -21.24 21.15 -3.46
C ASN B 256 -21.51 20.17 -4.62
N GLY B 257 -21.52 18.87 -4.32
CA GLY B 257 -21.79 17.84 -5.30
C GLY B 257 -20.61 17.26 -6.04
N ASP B 258 -19.43 17.86 -5.86
CA ASP B 258 -18.24 17.33 -6.53
C ASP B 258 -17.44 16.38 -5.63
N LEU B 259 -16.80 15.38 -6.25
CA LEU B 259 -15.98 14.44 -5.49
C LEU B 259 -14.97 15.25 -4.64
N TYR B 260 -14.75 14.85 -3.39
CA TYR B 260 -13.72 15.59 -2.66
C TYR B 260 -12.42 15.33 -3.44
N ASN B 261 -11.51 16.29 -3.34
CA ASN B 261 -10.22 16.17 -4.00
C ASN B 261 -9.42 15.00 -3.49
N VAL B 262 -9.60 14.59 -2.24
CA VAL B 262 -8.80 13.47 -1.74
C VAL B 262 -9.03 12.22 -2.57
N PHE B 263 -10.28 12.00 -2.92
CA PHE B 263 -10.70 10.86 -3.69
C PHE B 263 -10.40 11.10 -5.16
N ALA B 264 -10.70 12.32 -5.61
CA ALA B 264 -10.46 12.67 -6.99
C ALA B 264 -9.00 12.38 -7.29
N TRP B 265 -8.09 12.81 -6.43
CA TRP B 265 -6.66 12.55 -6.65
C TRP B 265 -6.34 11.07 -6.64
N ALA B 266 -7.14 10.26 -5.95
CA ALA B 266 -6.92 8.80 -5.90
C ALA B 266 -7.27 8.24 -7.26
N LEU B 267 -8.45 8.61 -7.75
CA LEU B 267 -8.89 8.18 -9.06
C LEU B 267 -7.87 8.54 -10.14
N ASP B 268 -7.07 9.57 -9.89
CA ASP B 268 -6.03 9.96 -10.82
C ASP B 268 -4.98 8.87 -10.86
N VAL B 269 -4.67 8.27 -9.71
CA VAL B 269 -3.68 7.17 -9.63
C VAL B 269 -4.30 5.87 -10.14
N LEU B 270 -5.60 5.68 -9.94
CA LEU B 270 -6.27 4.49 -10.45
C LEU B 270 -6.11 4.51 -11.96
N ALA B 271 -6.21 5.68 -12.57
CA ALA B 271 -6.06 5.78 -14.01
C ALA B 271 -4.60 5.74 -14.44
N LYS B 272 -3.69 6.25 -13.61
CA LYS B 272 -2.30 6.20 -14.00
C LYS B 272 -1.85 4.75 -13.98
N ARG B 273 -2.07 4.07 -12.86
CA ARG B 273 -1.67 2.66 -12.70
C ARG B 273 -2.14 1.75 -13.85
N LEU B 274 -3.42 1.82 -14.17
CA LEU B 274 -3.93 0.94 -15.20
C LEU B 274 -3.63 1.29 -16.65
N ARG B 275 -3.42 2.56 -16.96
CA ARG B 275 -3.21 3.01 -18.35
C ARG B 275 -2.07 2.35 -19.08
N SER B 276 -1.11 1.80 -18.36
CA SER B 276 0.02 1.19 -19.07
C SER B 276 0.08 -0.32 -19.02
N MET B 277 -0.98 -0.93 -18.51
CA MET B 277 -1.06 -2.38 -18.41
C MET B 277 -1.49 -2.90 -19.78
N HIS B 278 -1.22 -4.17 -20.01
CA HIS B 278 -1.55 -4.77 -21.30
C HIS B 278 -2.51 -5.89 -20.96
N VAL B 279 -3.80 -5.65 -21.20
CA VAL B 279 -4.81 -6.65 -20.87
C VAL B 279 -5.09 -7.60 -22.04
N PHE B 280 -5.18 -8.89 -21.75
CA PHE B 280 -5.48 -9.88 -22.78
C PHE B 280 -6.60 -10.66 -22.13
N ILE B 281 -7.53 -11.16 -22.93
CA ILE B 281 -8.63 -11.93 -22.38
C ILE B 281 -8.49 -13.33 -22.89
N LEU B 282 -8.73 -14.31 -22.02
CA LEU B 282 -8.62 -15.72 -22.33
C LEU B 282 -9.97 -16.36 -22.07
N ASP B 283 -10.37 -17.28 -22.93
CA ASP B 283 -11.65 -17.95 -22.80
C ASP B 283 -11.56 -19.24 -21.98
N TYR B 284 -12.27 -19.28 -20.86
CA TYR B 284 -12.25 -20.42 -19.98
C TYR B 284 -13.39 -21.38 -20.21
N ASP B 285 -14.10 -21.19 -21.30
CA ASP B 285 -15.22 -22.05 -21.62
C ASP B 285 -14.76 -23.17 -22.51
N GLN B 286 -13.58 -23.71 -22.19
CA GLN B 286 -12.94 -24.80 -22.93
C GLN B 286 -12.10 -25.65 -21.96
N SER B 287 -11.82 -26.89 -22.37
CA SER B 287 -11.07 -27.85 -21.58
C SER B 287 -9.75 -27.28 -21.13
N PRO B 288 -9.16 -27.89 -20.09
CA PRO B 288 -7.88 -27.51 -19.48
C PRO B 288 -6.73 -27.47 -20.50
N ALA B 289 -6.69 -28.43 -21.42
CA ALA B 289 -5.63 -28.45 -22.41
C ALA B 289 -5.93 -27.35 -23.43
N GLY B 290 -7.20 -26.97 -23.54
CA GLY B 290 -7.62 -25.92 -24.46
C GLY B 290 -7.20 -24.53 -24.02
N CYS B 291 -7.44 -24.22 -22.75
CA CYS B 291 -7.06 -22.91 -22.22
C CYS B 291 -5.55 -22.78 -22.25
N ARG B 292 -4.88 -23.90 -21.99
CA ARG B 292 -3.42 -23.94 -21.99
C ARG B 292 -2.93 -23.49 -23.36
N ASP B 293 -3.49 -24.08 -24.41
CA ASP B 293 -3.11 -23.75 -25.78
C ASP B 293 -3.61 -22.34 -26.15
N ALA B 294 -4.79 -21.98 -25.66
CA ALA B 294 -5.35 -20.66 -25.91
C ALA B 294 -4.42 -19.59 -25.32
N LEU B 295 -4.07 -19.77 -24.05
CA LEU B 295 -3.19 -18.84 -23.32
C LEU B 295 -1.80 -18.81 -23.94
N LEU B 296 -1.34 -19.98 -24.35
CA LEU B 296 -0.04 -20.16 -24.99
C LEU B 296 -0.04 -19.40 -26.32
N GLN B 297 -1.23 -19.21 -26.90
CA GLN B 297 -1.36 -18.47 -28.17
C GLN B 297 -1.22 -16.97 -27.89
N LEU B 298 -2.07 -16.46 -27.00
CA LEU B 298 -2.03 -15.04 -26.64
C LEU B 298 -0.64 -14.60 -26.22
N THR B 299 0.10 -15.48 -25.56
CA THR B 299 1.43 -15.17 -25.08
C THR B 299 2.40 -14.54 -26.08
N SER B 300 2.34 -14.95 -27.34
CA SER B 300 3.24 -14.39 -28.33
C SER B 300 3.08 -12.89 -28.62
N GLY B 301 1.87 -12.37 -28.47
CA GLY B 301 1.66 -10.95 -28.74
C GLY B 301 1.89 -10.07 -27.52
N MET B 302 2.52 -10.65 -26.49
CA MET B 302 2.79 -9.95 -25.23
C MET B 302 4.11 -9.19 -25.12
N VAL B 303 4.13 -8.14 -24.31
CA VAL B 303 5.36 -7.36 -24.14
C VAL B 303 6.35 -7.93 -23.12
N GLN B 304 7.61 -8.00 -23.54
CA GLN B 304 8.70 -8.48 -22.71
C GLN B 304 9.44 -7.24 -22.32
N THR B 305 10.53 -7.39 -21.60
CA THR B 305 11.31 -6.25 -21.17
C THR B 305 12.67 -6.82 -20.84
N HIS B 306 13.68 -5.96 -20.77
CA HIS B 306 15.03 -6.41 -20.37
C HIS B 306 15.05 -6.44 -18.85
N VAL B 307 16.12 -7.03 -18.30
CA VAL B 307 16.30 -7.09 -16.86
C VAL B 307 17.41 -6.08 -16.53
N THR B 308 17.43 -5.59 -15.30
CA THR B 308 18.40 -4.57 -14.89
C THR B 308 19.86 -4.99 -14.90
N THR B 309 20.14 -6.16 -14.36
CA THR B 309 21.49 -6.67 -14.32
C THR B 309 21.39 -7.95 -15.15
N PRO B 310 22.47 -8.39 -15.79
CA PRO B 310 22.37 -9.63 -16.56
C PRO B 310 22.02 -10.76 -15.59
N GLY B 311 22.56 -10.65 -14.36
CA GLY B 311 22.30 -11.62 -13.30
C GLY B 311 20.97 -11.42 -12.56
N SER B 312 20.07 -10.64 -13.14
CA SER B 312 18.76 -10.41 -12.56
C SER B 312 17.86 -11.60 -12.80
N ILE B 313 18.06 -12.27 -13.94
CA ILE B 313 17.26 -13.44 -14.35
C ILE B 313 17.25 -14.58 -13.33
N PRO B 314 18.43 -15.02 -12.86
CA PRO B 314 18.59 -16.10 -11.88
C PRO B 314 17.96 -15.74 -10.56
N THR B 315 18.19 -14.50 -10.18
CA THR B 315 17.65 -13.92 -8.95
C THR B 315 16.13 -13.98 -9.06
N ILE B 316 15.62 -13.51 -10.19
CA ILE B 316 14.18 -13.53 -10.45
C ILE B 316 13.71 -14.97 -10.44
N CYS B 317 14.54 -15.85 -11.00
CA CYS B 317 14.19 -17.26 -11.03
C CYS B 317 14.04 -17.82 -9.62
N ASP B 318 14.97 -17.47 -8.73
CA ASP B 318 14.92 -17.99 -7.37
C ASP B 318 13.91 -17.35 -6.43
N LEU B 319 13.61 -16.08 -6.63
CA LEU B 319 12.60 -15.37 -5.83
C LEU B 319 11.27 -16.05 -6.09
N ALA B 320 11.02 -16.33 -7.37
CA ALA B 320 9.81 -17.00 -7.79
C ALA B 320 9.75 -18.43 -7.28
N ARG B 321 10.82 -19.18 -7.44
CA ARG B 321 10.80 -20.56 -6.97
C ARG B 321 10.57 -20.59 -5.47
N THR B 322 11.28 -19.73 -4.76
CA THR B 322 11.17 -19.62 -3.33
C THR B 322 9.77 -19.16 -2.93
N PHE B 323 9.24 -18.14 -3.59
CA PHE B 323 7.90 -17.70 -3.22
C PHE B 323 7.05 -18.95 -3.31
N ALA B 324 7.23 -19.69 -4.39
CA ALA B 324 6.46 -20.90 -4.67
C ALA B 324 6.60 -21.93 -3.56
N ARG B 325 7.85 -22.33 -3.32
CA ARG B 325 8.17 -23.32 -2.30
C ARG B 325 7.63 -22.94 -0.89
N GLU B 326 7.68 -21.67 -0.53
CA GLU B 326 7.25 -21.30 0.81
C GLU B 326 5.78 -21.03 1.02
N MET B 327 5.11 -20.40 0.06
CA MET B 327 3.72 -20.05 0.22
C MET B 327 2.69 -20.76 -0.62
N GLY B 328 3.17 -21.63 -1.51
CA GLY B 328 2.31 -22.40 -2.38
C GLY B 328 1.65 -23.49 -1.55
N GLU B 329 0.43 -23.85 -1.92
CA GLU B 329 -0.38 -24.89 -1.27
C GLU B 329 -1.84 -24.57 -1.58
S SO4 C . 2.68 17.73 17.55
O1 SO4 C . 3.86 16.97 17.38
O2 SO4 C . 2.25 18.20 16.32
O3 SO4 C . 1.58 16.96 18.14
O4 SO4 C . 3.07 18.83 18.40
O5' BTD D . -0.82 12.72 15.11
C5' BTD D . -2.21 13.00 15.41
C4' BTD D . -2.80 12.07 16.38
O4' BTD D . -3.07 10.75 15.86
C1' BTD D . -2.04 9.75 16.19
N1 BTD D . -1.72 8.90 15.02
C6 BTD D . -1.17 9.46 13.95
C2 BTD D . -2.10 7.54 15.00
O2 BTD D . -2.65 6.96 15.91
N3 BTD D . -1.83 6.89 13.87
C4 BTD D . -1.22 7.46 12.76
O4 BTD D . -1.00 6.76 11.76
C5 BTD D . -0.86 8.81 12.87
C55 BTD D . -0.41 9.39 11.77
C44 BTD D . -0.70 10.69 11.38
C33 BTD D . -0.17 11.04 10.15
C22 BTD D . 0.52 9.99 9.54
S11 BTD D . 0.49 8.51 10.52
BR BTD D . 1.36 9.95 7.93
C2' BTD D . -0.93 10.61 16.83
C3' BTD D . -1.74 11.78 17.47
O3' BTD D . -2.47 11.39 18.61
S SO4 E . -9.62 -20.44 -10.27
O1 SO4 E . -10.21 -19.69 -11.31
O2 SO4 E . -8.21 -20.36 -10.58
O3 SO4 E . -9.95 -19.75 -9.08
O4 SO4 E . -10.18 -21.76 -10.14
O5' BTD F . -8.60 -16.39 -4.38
C5' BTD F . -8.76 -17.51 -3.52
C4' BTD F . -9.99 -17.36 -2.81
O4' BTD F . -9.81 -16.15 -2.04
C1' BTD F . -10.79 -15.22 -2.40
N1 BTD F . -9.95 -13.95 -2.43
C6 BTD F . -8.68 -13.84 -3.03
C2 BTD F . -10.54 -12.89 -1.77
O2 BTD F . -11.65 -12.97 -1.24
N3 BTD F . -9.85 -11.76 -1.71
C4 BTD F . -8.63 -11.57 -2.31
O4 BTD F . -8.22 -10.44 -2.16
C5 BTD F . -7.99 -12.69 -3.02
C55 BTD F . -6.71 -12.55 -3.62
C44 BTD F . -5.83 -13.53 -3.92
C33 BTD F . -4.69 -13.07 -4.52
C22 BTD F . -4.61 -11.70 -4.73
S11 BTD F . -6.02 -10.93 -4.19
BR BTD F . -3.45 -10.39 -5.42
C2' BTD F . -11.26 -15.74 -3.66
C3' BTD F . -11.20 -17.22 -3.58
O3' BTD F . -12.10 -17.67 -2.68
#